data_9GGY
#
_entry.id   9GGY
#
_cell.length_a   37.012
_cell.length_b   40.370
_cell.length_c   111.153
_cell.angle_alpha   90.000
_cell.angle_beta   90.000
_cell.angle_gamma   90.000
#
_symmetry.space_group_name_H-M   'P 21 21 21'
#
loop_
_entity.id
_entity.type
_entity.pdbx_description
1 polymer 'GTPase KRas'
2 non-polymer "GUANOSINE-5'-DIPHOSPHATE"
3 non-polymer 'MAGNESIUM ION'
4 non-polymer 1,2-ETHANEDIOL
5 non-polymer 12-(1-aza-5-azanidaspiro[4.5]decan-8-yl)-18-[(1-chloro-3-hydroxy-1,2,3-benzothiadiazol-5-yl)-lambda4-sulfanylidene]-4-hydroxy-3,3-dioxo-3lambda6-thia-1,4,12,17-tetraza-2lambda6-thia-6,10,19-triaza-3
6 water water
#
_entity_poly.entity_id   1
_entity_poly.type   'polypeptide(L)'
_entity_poly.pdbx_seq_one_letter_code
;GGSMTEYKLVVVGAGGVGKSALTIQLIQNHFVDEYDPTIEDSYRKQVVIDGETCLLDILDTAGQEEYSAMRDQYMRTGEG
FLCVFAINNTKSFEDIHHYREQIKRVKDSEDVPMVLVGNKSDLPSRTVDTKQAQDLARSYGIPFIETSAKTRQRVEDAFY
TLVREIRQYRLK
;
_entity_poly.pdbx_strand_id   A
#
loop_
_chem_comp.id
_chem_comp.type
_chem_comp.name
_chem_comp.formula
A1IK3 non-polymer 12-(1-aza-5-azanidaspiro[4.5]decan-8-yl)-18-[(1-chloro-3-hydroxy-1,2,3-benzothiadiazol-5-yl)-lambda4-sulfanylidene]-4-hydroxy-3,3-dioxo-3lambda6-thia-1,4,12,17-tetraza-2lambda6-thia-6,10,19-triaza-3 'C34 H41 Cl N6 O5 S2'
EDO non-polymer 1,2-ETHANEDIOL 'C2 H6 O2'
GDP RNA linking GUANOSINE-5'-DIPHOSPHATE 'C10 H15 N5 O11 P2'
MG non-polymer 'MAGNESIUM ION' 'Mg 2'
#
# COMPACT_ATOMS: atom_id res chain seq x y z
N SER A 3 -3.65 -21.58 14.55
CA SER A 3 -3.16 -21.70 13.15
C SER A 3 -3.37 -20.35 12.45
N MET A 4 -2.33 -19.51 12.59
N MET A 4 -2.39 -19.45 12.59
CA MET A 4 -2.38 -18.10 12.13
CA MET A 4 -2.44 -18.12 11.93
C MET A 4 -1.00 -17.67 11.62
C MET A 4 -1.04 -17.66 11.57
N THR A 5 -1.00 -16.74 10.68
CA THR A 5 0.25 -16.16 10.15
C THR A 5 0.11 -14.64 10.21
N GLU A 6 1.13 -13.93 10.71
N GLU A 6 1.18 -13.94 10.63
CA GLU A 6 1.13 -12.45 10.78
CA GLU A 6 1.18 -12.46 10.78
C GLU A 6 1.71 -11.90 9.48
C GLU A 6 1.81 -11.82 9.55
N TYR A 7 1.20 -10.75 9.03
CA TYR A 7 1.74 -9.97 7.89
C TYR A 7 1.74 -8.50 8.29
N LYS A 8 2.93 -7.90 8.31
CA LYS A 8 3.10 -6.46 8.61
C LYS A 8 3.13 -5.68 7.30
N LEU A 9 2.09 -4.87 7.08
CA LEU A 9 1.90 -4.14 5.82
C LEU A 9 2.05 -2.66 6.12
N VAL A 10 2.61 -1.92 5.18
CA VAL A 10 2.80 -0.47 5.32
C VAL A 10 2.22 0.20 4.09
N VAL A 11 1.36 1.17 4.27
CA VAL A 11 0.73 1.94 3.17
C VAL A 11 1.47 3.27 3.02
N VAL A 12 2.07 3.48 1.86
CA VAL A 12 2.91 4.67 1.58
C VAL A 12 2.39 5.37 0.33
N GLY A 13 2.80 6.62 0.16
CA GLY A 13 2.36 7.41 -1.01
C GLY A 13 2.21 8.87 -0.64
N ALA A 14 2.12 9.71 -1.64
CA ALA A 14 1.99 11.16 -1.43
C ALA A 14 0.76 11.50 -0.60
N GLY A 15 0.78 12.68 0.01
CA GLY A 15 -0.37 13.22 0.72
C GLY A 15 -1.58 13.28 -0.20
N GLY A 16 -2.72 12.83 0.31
CA GLY A 16 -4.01 12.99 -0.39
C GLY A 16 -4.32 11.92 -1.43
N VAL A 17 -3.52 10.86 -1.53
CA VAL A 17 -3.80 9.83 -2.56
C VAL A 17 -4.90 8.87 -2.09
N GLY A 18 -5.15 8.77 -0.80
CA GLY A 18 -6.15 7.85 -0.20
C GLY A 18 -5.58 6.71 0.62
N LYS A 19 -4.40 6.88 1.19
CA LYS A 19 -3.82 5.85 2.09
C LYS A 19 -4.78 5.59 3.26
N SER A 20 -5.22 6.64 3.93
CA SER A 20 -6.13 6.47 5.09
C SER A 20 -7.46 5.91 4.63
N ALA A 21 -8.05 6.49 3.58
CA ALA A 21 -9.37 6.05 3.06
C ALA A 21 -9.29 4.55 2.72
N LEU A 22 -8.21 4.12 2.07
CA LEU A 22 -8.10 2.68 1.69
C LEU A 22 -8.05 1.84 2.96
N THR A 23 -7.23 2.21 3.92
CA THR A 23 -7.03 1.41 5.14
C THR A 23 -8.32 1.34 5.95
N ILE A 24 -8.96 2.48 6.11
CA ILE A 24 -10.22 2.55 6.88
C ILE A 24 -11.31 1.76 6.14
N GLN A 25 -11.38 1.84 4.83
CA GLN A 25 -12.40 1.04 4.09
C GLN A 25 -12.15 -0.45 4.35
N LEU A 26 -10.91 -0.92 4.27
CA LEU A 26 -10.61 -2.33 4.52
C LEU A 26 -11.03 -2.72 5.94
N ILE A 27 -10.54 -2.01 6.93
CA ILE A 27 -10.78 -2.34 8.37
C ILE A 27 -12.18 -2.03 8.87
N GLN A 28 -12.75 -0.91 8.48
CA GLN A 28 -13.98 -0.41 9.14
C GLN A 28 -15.16 -0.31 8.19
N ASN A 29 -14.96 -0.62 6.92
CA ASN A 29 -16.07 -0.67 5.95
C ASN A 29 -16.84 0.64 5.85
N HIS A 30 -16.11 1.75 5.83
CA HIS A 30 -16.73 3.06 5.56
C HIS A 30 -15.70 3.92 4.82
N PHE A 31 -16.19 4.92 4.11
CA PHE A 31 -15.35 5.86 3.34
C PHE A 31 -15.25 7.19 4.09
N VAL A 32 -14.04 7.57 4.43
CA VAL A 32 -13.75 8.85 5.13
C VAL A 32 -13.50 9.93 4.08
N ASP A 33 -14.34 10.96 4.16
CA ASP A 33 -14.39 12.18 3.32
C ASP A 33 -13.22 13.13 3.54
N GLU A 34 -12.73 13.30 4.76
CA GLU A 34 -11.80 14.43 5.07
C GLU A 34 -10.95 14.10 6.31
N TYR A 35 -10.16 13.07 6.20
CA TYR A 35 -9.41 12.44 7.32
C TYR A 35 -8.09 13.19 7.53
N ASP A 36 -7.85 13.54 8.80
CA ASP A 36 -6.68 14.33 9.21
C ASP A 36 -5.41 13.80 8.53
N PRO A 37 -4.75 14.58 7.66
CA PRO A 37 -3.59 14.12 6.91
C PRO A 37 -2.36 13.70 7.72
N THR A 38 -2.26 14.14 8.96
CA THR A 38 -1.12 13.82 9.83
C THR A 38 -1.35 12.56 10.68
N ILE A 39 -2.58 12.04 10.76
CA ILE A 39 -2.78 10.88 11.68
C ILE A 39 -2.13 9.62 11.11
N GLU A 40 -1.24 8.99 11.86
CA GLU A 40 -0.58 7.71 11.46
C GLU A 40 -0.92 6.68 12.54
N ASP A 41 -1.65 5.64 12.15
N ASP A 41 -1.63 5.64 12.13
CA ASP A 41 -2.11 4.62 13.11
CA ASP A 41 -2.00 4.60 13.12
C ASP A 41 -2.00 3.23 12.49
C ASP A 41 -1.98 3.22 12.48
N SER A 42 -1.81 2.23 13.35
CA SER A 42 -1.84 0.81 12.91
C SER A 42 -3.20 0.19 13.21
N TYR A 43 -3.55 -0.76 12.35
CA TYR A 43 -4.84 -1.49 12.45
C TYR A 43 -4.54 -2.98 12.31
N ARG A 44 -5.16 -3.79 13.16
N ARG A 44 -5.18 -3.80 13.15
CA ARG A 44 -4.95 -5.26 13.12
CA ARG A 44 -4.97 -5.27 13.12
C ARG A 44 -6.28 -5.94 12.83
C ARG A 44 -6.31 -5.97 12.86
N LYS A 45 -6.28 -6.88 11.89
CA LYS A 45 -7.51 -7.61 11.54
C LYS A 45 -7.14 -8.98 11.04
N GLN A 46 -7.96 -9.95 11.39
CA GLN A 46 -7.83 -11.34 10.96
C GLN A 46 -8.71 -11.56 9.73
N VAL A 47 -8.14 -12.16 8.69
CA VAL A 47 -8.84 -12.46 7.40
C VAL A 47 -8.40 -13.84 6.94
N VAL A 48 -9.12 -14.46 6.04
CA VAL A 48 -8.68 -15.76 5.45
C VAL A 48 -8.33 -15.49 3.99
N ILE A 49 -7.13 -15.90 3.61
CA ILE A 49 -6.61 -15.70 2.22
C ILE A 49 -5.99 -17.02 1.80
N ASP A 50 -6.51 -17.64 0.73
CA ASP A 50 -5.98 -18.91 0.21
C ASP A 50 -5.95 -19.99 1.31
N GLY A 51 -6.99 -20.00 2.15
CA GLY A 51 -7.13 -21.03 3.19
C GLY A 51 -6.34 -20.76 4.45
N GLU A 52 -5.57 -19.68 4.45
CA GLU A 52 -4.72 -19.33 5.62
C GLU A 52 -5.42 -18.25 6.43
N THR A 53 -5.54 -18.47 7.73
CA THR A 53 -6.02 -17.39 8.63
C THR A 53 -4.84 -16.44 8.85
N CYS A 54 -5.00 -15.21 8.41
CA CYS A 54 -3.90 -14.21 8.38
C CYS A 54 -4.22 -13.08 9.36
N LEU A 55 -3.23 -12.69 10.16
CA LEU A 55 -3.41 -11.47 10.97
C LEU A 55 -2.68 -10.34 10.24
N LEU A 56 -3.43 -9.38 9.77
CA LEU A 56 -2.85 -8.21 9.04
C LEU A 56 -2.59 -7.11 10.06
N ASP A 57 -1.35 -6.64 10.10
CA ASP A 57 -0.96 -5.49 10.97
C ASP A 57 -0.58 -4.38 10.00
N ILE A 58 -1.46 -3.42 9.85
CA ILE A 58 -1.32 -2.41 8.77
C ILE A 58 -1.00 -1.06 9.37
N LEU A 59 0.11 -0.47 8.89
CA LEU A 59 0.48 0.92 9.29
C LEU A 59 0.08 1.87 8.15
N ASP A 60 -0.82 2.78 8.48
CA ASP A 60 -1.26 3.86 7.59
C ASP A 60 -0.34 5.06 7.88
N THR A 61 0.57 5.31 6.95
CA THR A 61 1.59 6.38 7.14
C THR A 61 1.10 7.73 6.61
N ALA A 62 1.65 8.78 7.19
CA ALA A 62 1.35 10.14 6.71
C ALA A 62 2.73 10.76 6.77
N GLY A 63 3.67 10.28 5.97
CA GLY A 63 5.09 10.67 6.13
C GLY A 63 5.67 11.51 5.03
N GLN A 64 5.55 12.82 5.14
CA GLN A 64 6.19 13.65 4.09
C GLN A 64 7.57 14.18 4.55
N GLU A 65 8.02 13.83 5.75
CA GLU A 65 9.36 14.27 6.21
C GLU A 65 10.44 13.63 5.35
N GLU A 66 11.42 14.49 5.04
CA GLU A 66 12.62 14.16 4.24
C GLU A 66 13.52 13.17 5.00
N TYR A 67 13.70 13.40 6.30
CA TYR A 67 14.56 12.57 7.18
C TYR A 67 13.75 12.20 8.42
N SER A 68 13.67 10.91 8.74
CA SER A 68 12.80 10.43 9.84
C SER A 68 13.29 9.09 10.35
N ALA A 69 13.83 9.04 11.55
CA ALA A 69 14.25 7.78 12.19
C ALA A 69 13.07 6.82 12.31
N MET A 70 11.89 7.33 12.64
CA MET A 70 10.71 6.47 12.85
C MET A 70 10.25 5.89 11.50
N ARG A 71 10.35 6.65 10.42
CA ARG A 71 10.01 6.12 9.06
C ARG A 71 11.03 5.04 8.70
N ASP A 72 12.30 5.23 8.99
CA ASP A 72 13.28 4.17 8.70
C ASP A 72 12.90 2.92 9.52
N GLN A 73 12.53 3.10 10.77
CA GLN A 73 12.17 1.95 11.64
C GLN A 73 10.95 1.21 11.07
N TYR A 74 9.89 1.90 10.69
CA TYR A 74 8.72 1.18 10.10
C TYR A 74 9.08 0.55 8.76
N MET A 75 9.98 1.11 7.98
CA MET A 75 10.37 0.43 6.74
C MET A 75 11.22 -0.80 7.05
N ARG A 76 11.98 -0.80 8.14
CA ARG A 76 12.76 -2.00 8.51
C ARG A 76 11.78 -3.07 9.00
N THR A 77 10.77 -2.68 9.76
CA THR A 77 9.80 -3.63 10.37
C THR A 77 8.78 -4.14 9.34
N GLY A 78 8.36 -3.29 8.42
CA GLY A 78 7.31 -3.66 7.46
C GLY A 78 7.76 -4.79 6.55
N GLU A 79 6.86 -5.72 6.26
CA GLU A 79 7.21 -6.86 5.39
C GLU A 79 6.76 -6.57 3.96
N GLY A 80 5.69 -5.82 3.79
CA GLY A 80 5.18 -5.51 2.45
C GLY A 80 4.68 -4.09 2.36
N PHE A 81 4.77 -3.49 1.19
CA PHE A 81 4.44 -2.05 1.02
C PHE A 81 3.42 -1.88 -0.11
N LEU A 82 2.35 -1.19 0.23
CA LEU A 82 1.32 -0.79 -0.73
C LEU A 82 1.72 0.62 -1.15
N CYS A 83 2.17 0.80 -2.37
CA CYS A 83 2.64 2.13 -2.89
C CYS A 83 1.48 2.73 -3.68
N VAL A 84 0.87 3.72 -3.10
CA VAL A 84 -0.39 4.28 -3.63
C VAL A 84 -0.16 5.64 -4.30
N PHE A 85 -0.68 5.80 -5.48
CA PHE A 85 -0.81 7.10 -6.17
C PHE A 85 -2.28 7.29 -6.52
N ALA A 86 -2.68 8.48 -6.90
CA ALA A 86 -4.05 8.76 -7.35
C ALA A 86 -4.08 8.90 -8.86
N ILE A 87 -5.07 8.32 -9.55
CA ILE A 87 -5.03 8.28 -11.03
C ILE A 87 -5.28 9.66 -11.63
N ASN A 88 -5.66 10.64 -10.81
CA ASN A 88 -5.90 12.03 -11.28
C ASN A 88 -4.79 12.95 -10.78
N ASN A 89 -3.67 12.39 -10.36
CA ASN A 89 -2.54 13.20 -9.84
C ASN A 89 -1.22 12.65 -10.38
N THR A 90 -0.71 13.28 -11.43
CA THR A 90 0.52 12.77 -12.06
C THR A 90 1.72 12.87 -11.10
N LYS A 91 1.78 13.94 -10.33
CA LYS A 91 2.90 14.10 -9.38
C LYS A 91 2.93 12.89 -8.42
N SER A 92 1.78 12.45 -7.92
CA SER A 92 1.74 11.32 -6.97
C SER A 92 2.29 10.04 -7.63
N PHE A 93 2.04 9.88 -8.93
CA PHE A 93 2.56 8.74 -9.71
C PHE A 93 4.09 8.85 -9.81
N GLU A 94 4.56 10.06 -10.09
CA GLU A 94 6.04 10.23 -10.23
C GLU A 94 6.70 10.02 -8.87
N ASP A 95 6.05 10.34 -7.79
CA ASP A 95 6.59 10.19 -6.41
C ASP A 95 6.82 8.71 -6.09
N ILE A 96 6.16 7.78 -6.76
CA ILE A 96 6.27 6.33 -6.42
C ILE A 96 7.75 5.93 -6.41
N HIS A 97 8.48 6.34 -7.44
CA HIS A 97 9.91 6.00 -7.61
C HIS A 97 10.70 6.30 -6.32
N HIS A 98 10.44 7.44 -5.72
CA HIS A 98 11.14 7.89 -4.50
C HIS A 98 10.81 7.00 -3.29
N TYR A 99 9.53 6.64 -3.12
CA TYR A 99 9.13 5.72 -2.02
C TYR A 99 9.80 4.37 -2.22
N ARG A 100 9.79 3.87 -3.46
CA ARG A 100 10.39 2.54 -3.73
C ARG A 100 11.90 2.62 -3.42
N GLU A 101 12.55 3.70 -3.83
CA GLU A 101 14.01 3.82 -3.59
C GLU A 101 14.29 3.84 -2.08
N GLN A 102 13.48 4.57 -1.31
CA GLN A 102 13.65 4.72 0.17
C GLN A 102 13.54 3.32 0.78
N ILE A 103 12.54 2.56 0.38
CA ILE A 103 12.32 1.20 0.95
C ILE A 103 13.49 0.30 0.58
N LYS A 104 13.90 0.26 -0.69
CA LYS A 104 15.07 -0.58 -1.12
C LYS A 104 16.32 -0.21 -0.34
N ARG A 105 16.52 1.09 -0.08
CA ARG A 105 17.72 1.49 0.68
C ARG A 105 17.68 0.93 2.10
N VAL A 106 16.54 1.06 2.78
CA VAL A 106 16.37 0.57 4.19
C VAL A 106 16.53 -0.95 4.19
N LYS A 107 15.95 -1.64 3.21
CA LYS A 107 16.00 -3.12 3.16
C LYS A 107 17.34 -3.64 2.67
N ASP A 108 18.15 -2.78 2.04
CA ASP A 108 19.39 -3.24 1.39
C ASP A 108 19.07 -4.38 0.43
N SER A 109 17.98 -4.27 -0.34
CA SER A 109 17.50 -5.34 -1.23
C SER A 109 16.75 -4.71 -2.42
N GLU A 110 17.02 -5.19 -3.63
CA GLU A 110 16.28 -4.78 -4.87
C GLU A 110 14.90 -5.47 -4.87
N ASP A 111 14.73 -6.51 -4.04
CA ASP A 111 13.56 -7.42 -4.08
C ASP A 111 12.78 -7.32 -2.76
N VAL A 112 11.67 -6.60 -2.78
CA VAL A 112 10.86 -6.23 -1.59
C VAL A 112 9.41 -6.43 -1.96
N PRO A 113 8.57 -7.11 -1.16
CA PRO A 113 7.16 -7.25 -1.50
C PRO A 113 6.48 -5.88 -1.57
N MET A 114 6.01 -5.53 -2.77
N MET A 114 5.78 -5.68 -2.67
CA MET A 114 5.27 -4.27 -3.01
CA MET A 114 5.23 -4.36 -3.00
C MET A 114 4.12 -4.53 -3.98
C MET A 114 4.11 -4.54 -4.02
N VAL A 115 3.09 -3.71 -3.88
CA VAL A 115 2.00 -3.65 -4.87
C VAL A 115 1.80 -2.18 -5.23
N LEU A 116 1.76 -1.87 -6.52
CA LEU A 116 1.44 -0.52 -6.99
C LEU A 116 -0.08 -0.37 -7.03
N VAL A 117 -0.58 0.67 -6.40
CA VAL A 117 -2.03 0.92 -6.32
C VAL A 117 -2.33 2.29 -6.94
N GLY A 118 -3.15 2.30 -7.97
CA GLY A 118 -3.72 3.53 -8.54
C GLY A 118 -5.10 3.73 -7.96
N ASN A 119 -5.21 4.61 -6.97
CA ASN A 119 -6.46 4.84 -6.24
C ASN A 119 -7.28 5.94 -6.93
N LYS A 120 -8.53 6.04 -6.53
CA LYS A 120 -9.53 7.01 -6.99
C LYS A 120 -9.97 6.65 -8.41
N SER A 121 -10.13 5.37 -8.67
CA SER A 121 -10.56 4.88 -10.00
C SER A 121 -11.98 5.34 -10.33
N ASP A 122 -12.75 5.78 -9.33
CA ASP A 122 -14.14 6.31 -9.51
C ASP A 122 -14.11 7.71 -10.13
N LEU A 123 -12.97 8.40 -10.14
CA LEU A 123 -12.90 9.79 -10.71
C LEU A 123 -12.74 9.73 -12.23
N PRO A 124 -13.58 10.43 -12.99
CA PRO A 124 -13.55 10.37 -14.44
C PRO A 124 -12.35 11.04 -15.14
N SER A 125 -11.83 12.12 -14.55
CA SER A 125 -10.73 12.89 -15.21
C SER A 125 -9.35 12.34 -14.83
N ARG A 126 -9.05 11.18 -15.37
CA ARG A 126 -7.75 10.49 -15.19
C ARG A 126 -6.63 11.32 -15.84
N THR A 127 -5.47 11.30 -15.19
CA THR A 127 -4.27 11.95 -15.76
C THR A 127 -3.17 10.89 -15.92
N VAL A 128 -3.27 9.77 -15.22
CA VAL A 128 -2.29 8.67 -15.35
C VAL A 128 -2.91 7.54 -16.15
N ASP A 129 -2.40 7.30 -17.34
CA ASP A 129 -2.88 6.20 -18.22
C ASP A 129 -2.63 4.88 -17.50
N THR A 130 -3.61 3.99 -17.54
CA THR A 130 -3.44 2.64 -16.98
C THR A 130 -2.21 1.99 -17.62
N LYS A 131 -1.98 2.21 -18.92
CA LYS A 131 -0.83 1.61 -19.63
C LYS A 131 0.50 2.04 -19.03
N GLN A 132 0.62 3.30 -18.65
CA GLN A 132 1.89 3.78 -18.05
C GLN A 132 2.10 3.11 -16.70
N ALA A 133 1.02 3.01 -15.91
CA ALA A 133 1.09 2.38 -14.57
C ALA A 133 1.46 0.90 -14.71
N GLN A 134 0.84 0.21 -15.68
CA GLN A 134 1.19 -1.21 -15.91
C GLN A 134 2.68 -1.31 -16.29
N ASP A 135 3.14 -0.40 -17.15
CA ASP A 135 4.56 -0.44 -17.57
C ASP A 135 5.49 -0.19 -16.37
N LEU A 136 5.13 0.76 -15.48
CA LEU A 136 5.97 1.01 -14.29
C LEU A 136 6.01 -0.25 -13.43
N ALA A 137 4.84 -0.85 -13.16
CA ALA A 137 4.79 -2.07 -12.33
C ALA A 137 5.65 -3.18 -12.97
N ARG A 138 5.55 -3.35 -14.28
CA ARG A 138 6.36 -4.36 -15.01
C ARG A 138 7.85 -4.08 -14.79
N SER A 139 8.24 -2.82 -14.86
CA SER A 139 9.67 -2.44 -14.72
C SER A 139 10.17 -2.79 -13.31
N TYR A 140 9.28 -2.73 -12.31
CA TYR A 140 9.60 -3.02 -10.89
C TYR A 140 9.39 -4.50 -10.57
N GLY A 141 8.72 -5.27 -11.44
CA GLY A 141 8.38 -6.69 -11.19
C GLY A 141 7.34 -6.82 -10.09
N ILE A 142 6.36 -5.91 -10.05
CA ILE A 142 5.34 -5.96 -8.98
C ILE A 142 3.95 -5.90 -9.60
N PRO A 143 2.90 -6.37 -8.86
CA PRO A 143 1.54 -6.25 -9.35
C PRO A 143 1.11 -4.77 -9.40
N PHE A 144 0.11 -4.51 -10.23
CA PHE A 144 -0.58 -3.21 -10.32
C PHE A 144 -2.09 -3.43 -10.19
N ILE A 145 -2.73 -2.66 -9.32
CA ILE A 145 -4.19 -2.74 -9.08
C ILE A 145 -4.75 -1.33 -9.06
N GLU A 146 -5.85 -1.09 -9.75
CA GLU A 146 -6.57 0.20 -9.58
C GLU A 146 -7.69 -0.01 -8.55
N THR A 147 -7.83 0.89 -7.60
CA THR A 147 -8.82 0.78 -6.51
C THR A 147 -9.64 2.05 -6.42
N SER A 148 -10.77 1.93 -5.74
CA SER A 148 -11.55 3.10 -5.30
C SER A 148 -11.88 2.89 -3.82
N ALA A 149 -11.29 3.65 -2.93
CA ALA A 149 -11.67 3.64 -1.51
C ALA A 149 -13.11 4.14 -1.37
N LYS A 150 -13.58 4.94 -2.32
CA LYS A 150 -14.95 5.49 -2.23
C LYS A 150 -15.97 4.36 -2.46
N THR A 151 -15.77 3.56 -3.50
CA THR A 151 -16.77 2.50 -3.84
C THR A 151 -16.37 1.12 -3.34
N ARG A 152 -15.20 0.93 -2.73
CA ARG A 152 -14.57 -0.33 -2.25
C ARG A 152 -13.99 -1.18 -3.38
N GLN A 153 -14.01 -0.68 -4.59
CA GLN A 153 -13.50 -1.47 -5.74
C GLN A 153 -12.04 -1.88 -5.53
N ARG A 154 -11.81 -3.19 -5.47
CA ARG A 154 -10.46 -3.83 -5.36
C ARG A 154 -9.71 -3.45 -4.08
N VAL A 155 -10.42 -2.99 -3.06
CA VAL A 155 -9.72 -2.64 -1.80
C VAL A 155 -9.16 -3.91 -1.16
N GLU A 156 -9.99 -4.94 -0.94
CA GLU A 156 -9.46 -6.20 -0.38
C GLU A 156 -8.41 -6.80 -1.33
N ASP A 157 -8.69 -6.74 -2.61
CA ASP A 157 -7.75 -7.31 -3.60
C ASP A 157 -6.34 -6.68 -3.46
N ALA A 158 -6.27 -5.35 -3.30
CA ALA A 158 -4.94 -4.69 -3.16
C ALA A 158 -4.19 -5.24 -1.94
N PHE A 159 -4.84 -5.28 -0.78
CA PHE A 159 -4.15 -5.73 0.45
C PHE A 159 -3.86 -7.23 0.38
N TYR A 160 -4.80 -8.02 -0.15
CA TYR A 160 -4.63 -9.49 -0.19
C TYR A 160 -3.59 -9.88 -1.21
N THR A 161 -3.48 -9.11 -2.28
CA THR A 161 -2.39 -9.32 -3.27
C THR A 161 -1.03 -9.09 -2.59
N LEU A 162 -0.93 -8.07 -1.76
CA LEU A 162 0.34 -7.79 -1.05
C LEU A 162 0.68 -8.95 -0.11
N VAL A 163 -0.30 -9.49 0.60
CA VAL A 163 -0.08 -10.71 1.42
C VAL A 163 0.49 -11.83 0.58
N ARG A 164 -0.13 -12.09 -0.57
CA ARG A 164 0.35 -13.15 -1.49
C ARG A 164 1.80 -12.89 -1.91
N GLU A 165 2.15 -11.64 -2.17
CA GLU A 165 3.56 -11.31 -2.53
C GLU A 165 4.50 -11.65 -1.37
N ILE A 166 4.16 -11.26 -0.15
CA ILE A 166 4.99 -11.59 1.04
C ILE A 166 5.12 -13.10 1.21
N ARG A 167 4.00 -13.81 1.08
CA ARG A 167 4.00 -15.27 1.29
C ARG A 167 4.97 -15.90 0.29
N GLN A 168 4.95 -15.46 -0.96
CA GLN A 168 5.79 -16.03 -2.02
C GLN A 168 7.27 -15.69 -1.79
N TYR A 169 7.57 -14.45 -1.43
CA TYR A 169 8.96 -14.05 -1.13
C TYR A 169 9.51 -14.89 0.02
N ARG A 170 8.69 -15.30 0.99
CA ARG A 170 9.17 -16.09 2.15
C ARG A 170 9.71 -17.44 1.64
N LEU A 171 9.31 -17.87 0.44
CA LEU A 171 9.78 -19.18 -0.10
C LEU A 171 10.99 -19.02 -1.02
N LYS A 172 11.46 -17.79 -1.24
CA LYS A 172 12.62 -17.45 -2.11
C LYS A 172 13.81 -17.03 -1.25
PB GDP B . -3.95 10.22 2.50
O1B GDP B . -4.21 9.46 3.77
O2B GDP B . -3.22 9.47 1.43
O3B GDP B . -3.34 11.59 2.76
O3A GDP B . -5.39 10.53 1.84
PA GDP B . -6.86 10.37 2.48
O1A GDP B . -7.24 8.95 2.68
O2A GDP B . -7.03 11.31 3.62
O5' GDP B . -7.71 10.91 1.28
C5' GDP B . -7.50 12.21 0.72
C4' GDP B . -8.77 12.75 0.05
O4' GDP B . -9.12 11.96 -1.11
C3' GDP B . -10.01 12.69 0.95
O3' GDP B . -10.81 13.83 0.66
C2' GDP B . -10.71 11.41 0.57
O2' GDP B . -12.14 11.37 0.80
C1' GDP B . -10.39 11.36 -0.91
N9 GDP B . -10.31 9.99 -1.44
C8 GDP B . -9.56 8.99 -0.97
N7 GDP B . -9.72 7.89 -1.72
C5 GDP B . -10.58 8.22 -2.68
C6 GDP B . -11.17 7.50 -3.79
O6 GDP B . -10.94 6.28 -4.02
N1 GDP B . -12.03 8.19 -4.53
C2 GDP B . -12.33 9.50 -4.34
N2 GDP B . -13.20 10.08 -5.15
N3 GDP B . -11.83 10.21 -3.34
C4 GDP B . -10.97 9.61 -2.52
MG MG C . -3.82 9.77 5.73
C1 EDO D . -2.91 -8.55 -9.01
O1 EDO D . -2.03 -8.85 -10.09
C2 EDO D . -4.28 -9.16 -9.29
O2 EDO D . -4.87 -8.54 -10.43
C1 EDO E . -9.21 -16.84 -1.91
O1 EDO E . -8.60 -16.43 -0.68
C2 EDO E . -8.79 -18.22 -2.35
O2 EDO E . -8.86 -19.14 -1.26
CBV A1IK3 F . -1.71 5.77 20.12
CBU A1IK3 F . -2.46 4.65 20.75
CBT A1IK3 F . -2.32 3.41 19.90
NBS A1IK3 F . -1.74 3.94 18.63
CBL A1IK3 F . -0.86 5.09 19.01
CBM A1IK3 F . 0.51 4.69 19.57
CBN A1IK3 F . 1.42 4.19 18.43
CBK A1IK3 F . -0.65 6.14 17.91
CBJ A1IK3 F . 0.20 5.61 16.78
CBI A1IK3 F . 1.56 5.26 17.30
NAY A1IK3 F . 2.52 4.83 16.20
CAJ A1IK3 F . 3.86 4.99 16.39
OAI A1IK3 F . 4.25 5.52 17.46
CAX A1IK3 F . 2.04 4.11 14.93
CAW A1IK3 F . 1.71 2.66 15.39
CAV A1IK3 F . 2.84 1.72 15.07
CAU A1IK3 F . 2.43 0.38 15.66
CAT A1IK3 F . 3.50 -0.68 15.63
NAS A1IK3 F . 4.29 -0.74 14.32
CAF A1IK3 F . 3.86 -1.32 13.12
CAE A1IK3 F . 2.67 -1.94 12.79
OAH A1IK3 F . 1.72 -2.05 13.74
CAD A1IK3 F . 2.42 -2.44 11.51
CAC A1IK3 F . 3.42 -2.34 10.54
CAB A1IK3 F . 4.62 -1.71 10.91
CLAA A1IK3 F . 5.91 -1.54 9.81
CAG A1IK3 F . 4.82 -1.23 12.17
SBQ A1IK3 F . 6.21 -0.41 12.78
CAR A1IK3 F . 5.55 -0.22 14.28
NAQ A1IK3 F . 6.06 0.31 15.39
SAP A1IK3 F . 7.34 1.37 15.26
OBO A1IK3 F . 8.30 0.97 14.15
OBP A1IK3 F . 8.03 1.43 16.61
CAO A1IK3 F . 6.54 2.89 14.92
CAN A1IK3 F . 6.82 3.57 13.74
NAM A1IK3 F . 6.09 4.73 13.43
CAZ A1IK3 F . 5.54 3.38 15.79
CAK A1IK3 F . 4.83 4.55 15.47
CAL A1IK3 F . 5.17 5.21 14.26
NBA A1IK3 F . 4.48 6.30 13.91
CBB A1IK3 F . 4.70 6.96 12.59
CBC A1IK3 F . 5.71 8.09 12.81
CBD A1IK3 F . 6.45 8.63 11.75
CBE A1IK3 F . 7.35 9.69 12.03
CBF A1IK3 F . 7.52 10.16 13.34
OBR A1IK3 F . 8.37 11.14 13.67
CBG A1IK3 F . 6.82 9.61 14.39
CBH A1IK3 F . 5.92 8.59 14.11
#